data_7UCX
#
_entry.id   7UCX
#
_cell.length_a   41.265
_cell.length_b   79.827
_cell.length_c   67.066
_cell.angle_alpha   90.000
_cell.angle_beta   95.470
_cell.angle_gamma   90.000
#
_symmetry.space_group_name_H-M   'P 1 21 1'
#
loop_
_entity.id
_entity.type
_entity.pdbx_description
1 polymer 'Cyclized CR1 peptide'
2 polymer '11H1 Fab Heavy chain'
3 polymer '11H1 Fab Light chain'
4 non-polymer 'SULFATE ION'
5 water water
#
loop_
_entity_poly.entity_id
_entity_poly.type
_entity_poly.pdbx_seq_one_letter_code
_entity_poly.pdbx_strand_id
1 'polypeptide(L)' CEKDQFQSRNERCIPSVWR B
2 'polypeptide(L)'
;EVQLVESGGDLVKPGGSLKLSCAASRFTFSNYGMSWVRQTPDKRLEWVATISSGGRYTYYPDSVKGRFTISRDNAKNTLY
LQMSSLRSEDTAMYYCARDYLYAMDYWGQGTSVTVSSASTKGPSVFPLAPSSKSTSGGTAALGCLVKDYFPEPVTVSWNS
GALTSGVHTFPAVLQSSGLYSLSSVVTVPSSSLGTQTYICNVNHKPSNTKVDKKVEPKSCDKTH
;
H
3 'polypeptide(L)'
;DVVMTQTPLSLPVSLGDQASISCRSSQSLVYSNGNTYLHWYLQKPGQSPKVLMYKVSNRFSGVSDRFSGSGSGTDFTLKI
SRVEAEDLGVYFCSQSTHVPLTFGAGTKLELKRTVAAPSVFIFPPSDEQLKSGTASVVCLLNNFYPREAKVQWKVDNALQ
SGNSQESVTEQDSKDSTYSLSSTLTLSKADYEKHKVYACEVTHQGLSSPVTKSFNRGEC
;
L
#
loop_
_chem_comp.id
_chem_comp.type
_chem_comp.name
_chem_comp.formula
SO4 non-polymer 'SULFATE ION' 'O4 S -2'
#
# COMPACT_ATOMS: atom_id res chain seq x y z
N CYS A 1 7.25 2.16 -36.82
CA CYS A 1 7.30 3.35 -35.99
C CYS A 1 7.28 2.97 -34.50
N GLU A 2 8.40 3.18 -33.82
CA GLU A 2 8.56 2.69 -32.45
C GLU A 2 7.91 3.67 -31.47
N LYS A 3 7.07 3.14 -30.59
CA LYS A 3 6.30 3.96 -29.66
C LYS A 3 6.60 3.61 -28.22
N ASP A 4 6.72 4.64 -27.39
CA ASP A 4 6.84 4.55 -25.93
C ASP A 4 6.81 5.98 -25.40
N GLN A 5 6.72 6.12 -24.08
CA GLN A 5 6.56 7.45 -23.50
C GLN A 5 7.75 8.37 -23.76
N PHE A 6 8.94 7.83 -24.02
CA PHE A 6 10.10 8.67 -24.29
C PHE A 6 10.17 9.06 -25.76
N GLN A 7 9.89 8.11 -26.67
CA GLN A 7 9.81 8.43 -28.09
C GLN A 7 8.75 9.47 -28.37
N SER A 8 7.63 9.41 -27.63
CA SER A 8 6.52 10.33 -27.84
C SER A 8 6.94 11.78 -27.70
N ARG A 9 8.00 12.04 -26.94
CA ARG A 9 8.45 13.42 -26.74
C ARG A 9 8.87 14.09 -28.04
N ASN A 10 9.23 13.32 -29.06
CA ASN A 10 9.61 13.91 -30.33
C ASN A 10 8.40 14.25 -31.20
N GLU A 11 7.18 13.93 -30.72
CA GLU A 11 5.89 14.35 -31.30
C GLU A 11 5.72 13.93 -32.76
N ARG A 12 6.40 12.86 -33.17
CA ARG A 12 6.28 12.32 -34.53
C ARG A 12 5.52 11.01 -34.57
N CYS A 13 5.88 10.05 -33.72
CA CYS A 13 5.21 8.75 -33.69
C CYS A 13 4.00 8.78 -32.75
N ILE A 14 3.07 9.69 -33.08
CA ILE A 14 1.89 9.89 -32.27
C ILE A 14 0.64 9.56 -33.07
N GLU B 1 -11.26 -1.78 -22.03
CA GLU B 1 -11.13 -2.33 -20.69
C GLU B 1 -9.75 -3.00 -20.49
N VAL B 2 -8.68 -2.22 -20.71
CA VAL B 2 -7.31 -2.73 -20.66
C VAL B 2 -7.03 -3.47 -19.36
N GLN B 3 -6.26 -4.56 -19.45
CA GLN B 3 -5.92 -5.35 -18.27
C GLN B 3 -4.47 -5.82 -18.34
N LEU B 4 -3.78 -5.75 -17.20
CA LEU B 4 -2.40 -6.19 -17.05
C LEU B 4 -2.31 -7.00 -15.77
N VAL B 5 -1.75 -8.21 -15.85
CA VAL B 5 -1.68 -9.12 -14.70
C VAL B 5 -0.24 -9.58 -14.53
N GLU B 6 0.40 -9.13 -13.45
CA GLU B 6 1.78 -9.50 -13.15
C GLU B 6 1.85 -10.82 -12.38
N SER B 7 2.98 -11.51 -12.55
CA SER B 7 3.24 -12.73 -11.83
C SER B 7 4.74 -12.93 -11.71
N GLY B 8 5.15 -13.82 -10.80
CA GLY B 8 6.55 -14.19 -10.67
C GLY B 8 7.24 -13.68 -9.43
N GLY B 9 6.63 -12.77 -8.68
CA GLY B 9 7.28 -12.28 -7.48
C GLY B 9 7.50 -13.38 -6.45
N ASP B 10 8.54 -13.21 -5.64
CA ASP B 10 8.92 -14.23 -4.69
C ASP B 10 10.00 -13.66 -3.76
N LEU B 11 10.34 -14.44 -2.74
CA LEU B 11 11.54 -14.18 -1.95
C LEU B 11 12.75 -14.68 -2.73
N VAL B 12 13.77 -13.84 -2.85
CA VAL B 12 15.01 -14.15 -3.56
C VAL B 12 16.18 -13.79 -2.65
N LYS B 13 17.22 -14.63 -2.66
CA LYS B 13 18.40 -14.34 -1.85
C LYS B 13 19.25 -13.27 -2.54
N PRO B 14 19.99 -12.46 -1.77
CA PRO B 14 20.88 -11.48 -2.39
C PRO B 14 21.83 -12.16 -3.36
N GLY B 15 22.12 -11.46 -4.46
CA GLY B 15 22.87 -12.03 -5.56
C GLY B 15 22.07 -12.89 -6.51
N GLY B 16 20.83 -13.24 -6.17
CA GLY B 16 20.03 -14.12 -7.00
C GLY B 16 19.36 -13.43 -8.19
N SER B 17 18.55 -14.23 -8.90
CA SER B 17 17.87 -13.82 -10.12
C SER B 17 16.39 -14.15 -10.02
N LEU B 18 15.57 -13.41 -10.75
CA LEU B 18 14.13 -13.62 -10.73
C LEU B 18 13.56 -13.01 -12.01
N LYS B 19 12.58 -13.69 -12.61
CA LYS B 19 11.93 -13.19 -13.81
C LYS B 19 10.46 -12.90 -13.54
N LEU B 20 10.04 -11.66 -13.77
CA LEU B 20 8.64 -11.30 -13.66
C LEU B 20 7.99 -11.32 -15.04
N SER B 21 6.69 -11.62 -15.08
CA SER B 21 5.94 -11.63 -16.33
C SER B 21 4.70 -10.79 -16.14
N CYS B 22 4.19 -10.24 -17.24
CA CYS B 22 3.00 -9.41 -17.21
C CYS B 22 2.15 -9.78 -18.42
N ALA B 23 0.95 -10.29 -18.17
CA ALA B 23 0.05 -10.71 -19.24
C ALA B 23 -0.90 -9.56 -19.61
N ALA B 24 -0.89 -9.16 -20.88
CA ALA B 24 -1.70 -8.05 -21.37
C ALA B 24 -2.97 -8.54 -22.08
N SER B 25 -4.07 -7.79 -21.92
CA SER B 25 -5.37 -8.17 -22.49
C SER B 25 -6.14 -6.93 -22.91
N ARG B 26 -7.03 -7.12 -23.89
CA ARG B 26 -8.04 -6.13 -24.27
C ARG B 26 -7.47 -4.85 -24.87
N PHE B 27 -6.28 -4.93 -25.45
CA PHE B 27 -5.74 -3.88 -26.30
C PHE B 27 -4.71 -4.50 -27.24
N THR B 28 -4.31 -3.72 -28.26
CA THR B 28 -3.33 -4.19 -29.23
C THR B 28 -1.93 -3.93 -28.65
N PHE B 29 -1.48 -4.88 -27.84
CA PHE B 29 -0.20 -4.84 -27.10
C PHE B 29 0.96 -4.37 -27.96
N SER B 30 1.02 -4.83 -29.23
CA SER B 30 2.10 -4.51 -30.15
C SER B 30 2.23 -3.02 -30.46
N ASN B 31 1.18 -2.22 -30.26
CA ASN B 31 1.19 -0.81 -30.64
C ASN B 31 1.63 0.14 -29.53
N TYR B 32 2.01 -0.37 -28.35
CA TYR B 32 2.33 0.49 -27.21
C TYR B 32 3.67 0.12 -26.59
N GLY B 33 4.42 1.16 -26.22
CA GLY B 33 5.51 0.95 -25.27
C GLY B 33 4.98 0.42 -23.96
N MET B 34 5.86 -0.25 -23.21
CA MET B 34 5.51 -0.86 -21.92
C MET B 34 6.61 -0.60 -20.90
N SER B 35 6.22 -0.53 -19.63
CA SER B 35 7.14 -0.10 -18.59
C SER B 35 6.96 -0.93 -17.33
N TRP B 36 8.02 -0.94 -16.50
CA TRP B 36 7.94 -1.47 -15.14
C TRP B 36 8.26 -0.33 -14.18
N VAL B 37 7.50 -0.24 -13.10
CA VAL B 37 7.70 0.74 -12.03
C VAL B 37 7.61 -0.01 -10.72
N ARG B 38 8.48 0.31 -9.76
CA ARG B 38 8.38 -0.33 -8.45
C ARG B 38 8.03 0.66 -7.36
N GLN B 39 7.40 0.13 -6.30
CA GLN B 39 7.01 0.91 -5.13
C GLN B 39 7.63 0.26 -3.91
N THR B 40 8.55 0.96 -3.27
CA THR B 40 9.33 0.41 -2.17
C THR B 40 8.52 0.46 -0.89
N PRO B 41 8.98 -0.23 0.17
CA PRO B 41 8.19 -0.26 1.42
C PRO B 41 7.85 1.12 1.99
N ASP B 42 8.61 2.16 1.64
CA ASP B 42 8.28 3.51 2.12
C ASP B 42 7.25 4.23 1.26
N LYS B 43 6.67 3.56 0.26
CA LYS B 43 5.58 4.03 -0.61
C LYS B 43 6.06 4.93 -1.76
N ARG B 44 7.37 5.13 -1.91
CA ARG B 44 7.89 5.91 -3.01
C ARG B 44 7.88 5.08 -4.29
N LEU B 45 7.72 5.74 -5.42
CA LEU B 45 7.71 5.12 -6.75
C LEU B 45 9.04 5.32 -7.46
N GLU B 46 9.52 4.29 -8.17
CA GLU B 46 10.76 4.41 -8.91
C GLU B 46 10.59 3.72 -10.26
N TRP B 47 10.75 4.46 -11.35
CA TRP B 47 10.67 3.87 -12.68
C TRP B 47 11.84 2.90 -12.86
N VAL B 48 11.57 1.70 -13.40
CA VAL B 48 12.52 0.60 -13.48
C VAL B 48 13.00 0.35 -14.91
N ALA B 49 12.09 0.37 -15.90
CA ALA B 49 12.46 0.03 -17.26
C ALA B 49 11.34 0.37 -18.23
N THR B 50 11.69 0.64 -19.49
CA THR B 50 10.71 0.87 -20.54
C THR B 50 11.20 0.15 -21.80
N ILE B 51 10.27 -0.36 -22.60
CA ILE B 51 10.61 -0.97 -23.88
C ILE B 51 9.66 -0.43 -24.93
N SER B 52 10.20 -0.11 -26.12
CA SER B 52 9.35 0.43 -27.17
C SER B 52 8.44 -0.66 -27.76
N SER B 53 7.41 -0.21 -28.50
CA SER B 53 6.35 -1.09 -28.99
C SER B 53 6.88 -2.31 -29.75
N GLY B 54 7.85 -2.09 -30.63
CA GLY B 54 8.44 -3.14 -31.43
C GLY B 54 9.72 -3.72 -30.87
N GLY B 55 10.09 -3.34 -29.64
CA GLY B 55 11.28 -3.86 -29.02
C GLY B 55 12.58 -3.29 -29.53
N ARG B 56 12.54 -2.21 -30.33
CA ARG B 56 13.80 -1.67 -30.85
C ARG B 56 14.62 -0.98 -29.76
N TYR B 57 13.97 -0.34 -28.79
CA TYR B 57 14.65 0.45 -27.78
C TYR B 57 14.26 0.01 -26.39
N THR B 58 15.23 0.04 -25.47
CA THR B 58 14.98 -0.15 -24.05
C THR B 58 15.66 0.97 -23.26
N TYR B 59 15.16 1.23 -22.07
CA TYR B 59 15.62 2.37 -21.27
C TYR B 59 15.62 1.96 -19.82
N TYR B 60 16.65 2.39 -19.06
CA TYR B 60 16.74 2.01 -17.65
C TYR B 60 17.37 3.16 -16.86
N PRO B 61 17.05 3.28 -15.57
CA PRO B 61 17.84 4.14 -14.67
C PRO B 61 19.14 3.46 -14.25
N ASP B 62 20.12 4.26 -13.81
CA ASP B 62 21.40 3.70 -13.37
C ASP B 62 21.26 2.67 -12.26
N SER B 63 20.25 2.79 -11.41
CA SER B 63 20.13 1.87 -10.28
C SER B 63 19.99 0.42 -10.72
N VAL B 64 19.53 0.16 -11.95
CA VAL B 64 19.32 -1.23 -12.37
C VAL B 64 20.00 -1.56 -13.70
N LYS B 65 20.46 -0.53 -14.42
CA LYS B 65 21.12 -0.73 -15.70
C LYS B 65 22.19 -1.79 -15.59
N GLY B 66 22.22 -2.69 -16.57
CA GLY B 66 23.14 -3.82 -16.54
C GLY B 66 22.59 -5.05 -15.84
N ARG B 67 21.91 -4.86 -14.71
CA ARG B 67 21.39 -5.94 -13.88
C ARG B 67 19.98 -6.38 -14.29
N PHE B 68 19.15 -5.44 -14.72
CA PHE B 68 17.76 -5.71 -15.09
C PHE B 68 17.64 -5.69 -16.61
N THR B 69 16.81 -6.57 -17.16
CA THR B 69 16.61 -6.60 -18.59
C THR B 69 15.13 -6.75 -18.90
N ILE B 70 14.55 -5.78 -19.62
CA ILE B 70 13.14 -5.81 -20.03
C ILE B 70 13.05 -6.39 -21.43
N SER B 71 12.01 -7.18 -21.67
CA SER B 71 11.77 -7.76 -22.98
C SER B 71 10.25 -7.94 -23.17
N ARG B 72 9.84 -8.28 -24.39
CA ARG B 72 8.41 -8.45 -24.67
C ARG B 72 8.23 -9.50 -25.75
N ASP B 73 7.09 -10.19 -25.71
CA ASP B 73 6.71 -11.14 -26.75
C ASP B 73 5.40 -10.61 -27.34
N ASN B 74 5.50 -9.96 -28.50
CA ASN B 74 4.31 -9.36 -29.10
C ASN B 74 3.34 -10.41 -29.62
N ALA B 75 3.82 -11.62 -29.92
CA ALA B 75 2.90 -12.67 -30.34
C ALA B 75 2.06 -13.18 -29.17
N LYS B 76 2.67 -13.25 -27.98
CA LYS B 76 2.01 -13.77 -26.79
C LYS B 76 1.46 -12.69 -25.88
N ASN B 77 1.55 -11.42 -26.27
CA ASN B 77 0.99 -10.30 -25.50
C ASN B 77 1.51 -10.31 -24.07
N THR B 78 2.83 -10.52 -23.92
CA THR B 78 3.46 -10.63 -22.61
C THR B 78 4.69 -9.73 -22.50
N LEU B 79 4.83 -9.10 -21.35
CA LEU B 79 6.00 -8.30 -20.99
C LEU B 79 6.82 -9.04 -19.93
N TYR B 80 8.15 -8.92 -19.96
CA TYR B 80 9.01 -9.61 -18.99
C TYR B 80 9.98 -8.65 -18.33
N LEU B 81 10.42 -8.96 -17.11
CA LEU B 81 11.53 -8.24 -16.49
C LEU B 81 12.44 -9.30 -15.90
N GLN B 82 13.65 -9.45 -16.44
CA GLN B 82 14.62 -10.39 -15.88
C GLN B 82 15.48 -9.61 -14.90
N MET B 83 15.50 -10.03 -13.64
CA MET B 83 16.30 -9.36 -12.62
C MET B 83 17.46 -10.26 -12.23
N SER B 84 18.66 -9.68 -12.14
CA SER B 84 19.84 -10.42 -11.72
C SER B 84 20.68 -9.57 -10.77
N SER B 85 21.61 -10.24 -10.08
CA SER B 85 22.45 -9.59 -9.07
C SER B 85 21.60 -8.77 -8.10
N LEU B 86 20.59 -9.42 -7.52
CA LEU B 86 19.58 -8.71 -6.74
C LEU B 86 20.14 -8.23 -5.39
N ARG B 87 19.75 -7.01 -5.01
CA ARG B 87 20.19 -6.36 -3.78
C ARG B 87 18.99 -6.12 -2.87
N SER B 88 19.27 -5.94 -1.59
CA SER B 88 18.21 -5.70 -0.61
C SER B 88 17.35 -4.51 -1.00
N GLU B 89 17.96 -3.47 -1.59
CA GLU B 89 17.21 -2.29 -1.96
C GLU B 89 16.27 -2.52 -3.15
N ASP B 90 16.35 -3.67 -3.83
CA ASP B 90 15.39 -4.01 -4.88
C ASP B 90 14.07 -4.55 -4.32
N THR B 91 13.97 -4.74 -3.00
CA THR B 91 12.72 -5.17 -2.39
C THR B 91 11.62 -4.13 -2.65
N ALA B 92 10.50 -4.57 -3.24
CA ALA B 92 9.47 -3.63 -3.69
C ALA B 92 8.30 -4.40 -4.29
N MET B 93 7.19 -3.67 -4.46
CA MET B 93 6.06 -4.12 -5.26
C MET B 93 6.35 -3.68 -6.70
N TYR B 94 6.32 -4.61 -7.65
CA TYR B 94 6.66 -4.31 -9.05
C TYR B 94 5.39 -4.27 -9.89
N TYR B 95 5.20 -3.17 -10.60
CA TYR B 95 4.02 -2.96 -11.45
C TYR B 95 4.45 -2.91 -12.90
N CYS B 96 3.65 -3.54 -13.74
CA CYS B 96 3.68 -3.44 -15.19
C CYS B 96 2.75 -2.30 -15.59
N ALA B 97 3.14 -1.49 -16.57
CA ALA B 97 2.26 -0.39 -17.00
C ALA B 97 2.33 -0.19 -18.50
N ARG B 98 1.22 0.28 -19.08
CA ARG B 98 1.18 0.58 -20.51
C ARG B 98 1.58 2.02 -20.75
N ASP B 99 2.52 2.26 -21.67
CA ASP B 99 2.85 3.62 -22.07
C ASP B 99 1.76 4.06 -23.04
N TYR B 100 1.00 5.11 -22.72
CA TYR B 100 -0.04 5.62 -23.60
C TYR B 100 0.25 7.09 -23.81
N LEU B 101 0.59 7.45 -25.05
CA LEU B 101 1.04 8.79 -25.43
C LEU B 101 2.28 9.18 -24.64
N TYR B 102 2.16 9.99 -23.58
CA TYR B 102 3.32 10.55 -22.90
C TYR B 102 3.51 10.04 -21.48
N ALA B 103 2.63 9.17 -20.99
CA ALA B 103 2.73 8.71 -19.61
C ALA B 103 2.27 7.26 -19.56
N MET B 104 2.12 6.71 -18.35
CA MET B 104 1.80 5.31 -18.15
C MET B 104 0.36 5.24 -17.68
N ASP B 105 -0.58 4.90 -18.57
CA ASP B 105 -1.97 5.12 -18.20
C ASP B 105 -2.54 4.02 -17.31
N TYR B 106 -2.36 2.76 -17.67
N TYR B 106 -2.36 2.76 -17.67
CA TYR B 106 -2.90 1.65 -16.90
CA TYR B 106 -2.91 1.62 -16.93
C TYR B 106 -1.76 0.83 -16.31
C TYR B 106 -1.77 0.82 -16.31
N TRP B 107 -1.93 0.46 -15.03
CA TRP B 107 -0.93 -0.29 -14.27
C TRP B 107 -1.57 -1.56 -13.71
N GLY B 108 -0.84 -2.67 -13.74
CA GLY B 108 -1.31 -3.89 -13.11
C GLY B 108 -1.40 -3.76 -11.59
N GLN B 109 -1.99 -4.77 -10.95
CA GLN B 109 -2.07 -4.71 -9.50
C GLN B 109 -0.77 -5.07 -8.79
N GLY B 110 0.24 -5.54 -9.51
CA GLY B 110 1.57 -5.64 -8.96
C GLY B 110 1.91 -7.03 -8.46
N THR B 111 3.22 -7.30 -8.37
CA THR B 111 3.74 -8.53 -7.79
C THR B 111 4.88 -8.20 -6.83
N SER B 112 4.92 -8.90 -5.69
CA SER B 112 5.81 -8.54 -4.59
C SER B 112 7.15 -9.28 -4.70
N VAL B 113 8.25 -8.56 -4.51
CA VAL B 113 9.61 -9.11 -4.56
C VAL B 113 10.34 -8.72 -3.27
N THR B 114 10.85 -9.70 -2.54
CA THR B 114 11.66 -9.41 -1.36
C THR B 114 13.03 -10.04 -1.55
N VAL B 115 14.08 -9.26 -1.34
CA VAL B 115 15.46 -9.74 -1.48
C VAL B 115 16.04 -9.80 -0.07
N SER B 116 16.27 -11.02 0.42
CA SER B 116 16.77 -11.19 1.78
C SER B 116 17.50 -12.53 1.90
N SER B 117 18.51 -12.56 2.78
CA SER B 117 19.17 -13.81 3.11
C SER B 117 18.33 -14.68 4.05
N ALA B 118 17.37 -14.07 4.74
CA ALA B 118 16.49 -14.78 5.64
C ALA B 118 15.66 -15.81 4.87
N SER B 119 15.36 -16.93 5.52
CA SER B 119 14.59 -18.00 4.92
C SER B 119 13.10 -17.73 5.06
N THR B 120 12.32 -18.46 4.27
CA THR B 120 10.87 -18.29 4.28
C THR B 120 10.30 -18.89 5.55
N LYS B 121 9.22 -18.30 6.07
CA LYS B 121 8.57 -18.79 7.28
C LYS B 121 7.08 -18.50 7.19
N GLY B 122 6.27 -19.55 7.34
CA GLY B 122 4.83 -19.43 7.30
C GLY B 122 4.25 -18.96 8.62
N PRO B 123 3.11 -18.29 8.56
CA PRO B 123 2.56 -17.65 9.76
C PRO B 123 1.90 -18.66 10.69
N SER B 124 1.91 -18.30 11.97
CA SER B 124 1.08 -18.94 12.98
C SER B 124 -0.15 -18.07 13.14
N VAL B 125 -1.33 -18.66 12.96
CA VAL B 125 -2.59 -17.92 13.05
C VAL B 125 -3.27 -18.28 14.36
N PHE B 126 -3.62 -17.26 15.13
CA PHE B 126 -4.25 -17.44 16.43
C PHE B 126 -5.55 -16.64 16.46
N PRO B 127 -6.58 -17.15 17.14
CA PRO B 127 -7.85 -16.43 17.21
C PRO B 127 -7.78 -15.22 18.13
N LEU B 128 -8.62 -14.23 17.81
CA LEU B 128 -8.92 -13.08 18.66
C LEU B 128 -10.39 -13.24 19.03
N ALA B 129 -10.65 -13.83 20.20
CA ALA B 129 -11.99 -14.30 20.53
C ALA B 129 -12.89 -13.15 21.00
N PRO B 130 -14.17 -13.16 20.61
CA PRO B 130 -15.08 -12.07 20.98
C PRO B 130 -15.45 -12.11 22.46
N GLY B 138 -25.37 -3.77 20.63
CA GLY B 138 -24.82 -5.11 20.69
C GLY B 138 -23.87 -5.42 19.56
N THR B 139 -22.64 -4.90 19.66
CA THR B 139 -21.62 -5.09 18.64
C THR B 139 -20.43 -5.78 19.27
N ALA B 140 -20.03 -6.91 18.68
CA ALA B 140 -18.89 -7.69 19.13
C ALA B 140 -17.78 -7.61 18.09
N ALA B 141 -16.54 -7.74 18.54
CA ALA B 141 -15.38 -7.76 17.66
C ALA B 141 -14.63 -9.06 17.85
N LEU B 142 -14.17 -9.64 16.73
CA LEU B 142 -13.37 -10.85 16.73
C LEU B 142 -12.37 -10.75 15.60
N GLY B 143 -11.36 -11.61 15.63
CA GLY B 143 -10.37 -11.50 14.59
C GLY B 143 -9.37 -12.64 14.61
N CYS B 144 -8.29 -12.43 13.85
CA CYS B 144 -7.23 -13.42 13.70
C CYS B 144 -5.89 -12.71 13.78
N LEU B 145 -4.98 -13.22 14.60
CA LEU B 145 -3.64 -12.68 14.67
C LEU B 145 -2.73 -13.55 13.81
N VAL B 146 -2.13 -12.94 12.78
CA VAL B 146 -1.30 -13.63 11.79
C VAL B 146 0.14 -13.22 12.08
N LYS B 147 0.90 -14.02 12.82
CA LYS B 147 2.20 -13.54 13.27
C LYS B 147 3.34 -14.51 12.95
N ASP B 148 4.53 -13.92 12.89
CA ASP B 148 5.81 -14.61 12.68
C ASP B 148 5.92 -15.23 11.29
N TYR B 149 5.64 -14.44 10.27
CA TYR B 149 5.84 -14.87 8.89
C TYR B 149 6.86 -13.99 8.19
N PHE B 150 7.49 -14.56 7.15
CA PHE B 150 8.45 -13.86 6.31
C PHE B 150 8.47 -14.55 4.97
N PRO B 151 8.48 -13.80 3.84
CA PRO B 151 8.40 -12.34 3.75
C PRO B 151 6.94 -11.91 3.61
N GLU B 152 6.74 -10.66 3.25
CA GLU B 152 5.41 -10.20 2.86
C GLU B 152 5.14 -10.75 1.45
N PRO B 153 3.87 -10.87 1.04
CA PRO B 153 2.61 -10.52 1.69
C PRO B 153 1.84 -11.70 2.24
N VAL B 154 0.84 -11.36 3.05
CA VAL B 154 -0.19 -12.26 3.52
C VAL B 154 -1.53 -11.66 3.11
N THR B 155 -2.42 -12.48 2.57
CA THR B 155 -3.78 -12.05 2.29
C THR B 155 -4.74 -12.75 3.26
N VAL B 156 -5.76 -12.00 3.70
CA VAL B 156 -6.74 -12.50 4.66
C VAL B 156 -8.13 -12.20 4.14
N SER B 157 -8.97 -13.23 4.09
CA SER B 157 -10.40 -13.08 3.82
C SER B 157 -11.17 -13.74 4.95
N TRP B 158 -12.48 -13.59 4.94
CA TRP B 158 -13.35 -14.14 5.98
C TRP B 158 -14.50 -14.91 5.37
N ASN B 159 -14.73 -16.12 5.86
CA ASN B 159 -15.79 -17.00 5.37
C ASN B 159 -15.69 -17.18 3.86
N SER B 160 -14.46 -17.36 3.38
CA SER B 160 -14.14 -17.60 1.97
C SER B 160 -14.55 -16.45 1.06
N GLY B 161 -14.47 -15.22 1.57
CA GLY B 161 -14.80 -14.06 0.78
C GLY B 161 -16.22 -13.58 0.91
N ALA B 162 -17.04 -14.25 1.72
CA ALA B 162 -18.45 -13.89 1.85
C ALA B 162 -18.65 -12.75 2.83
N LEU B 163 -17.76 -12.63 3.82
CA LEU B 163 -17.86 -11.59 4.85
C LEU B 163 -16.86 -10.48 4.51
N THR B 164 -17.38 -9.33 4.08
CA THR B 164 -16.57 -8.16 3.78
C THR B 164 -16.95 -6.93 4.58
N SER B 165 -18.20 -6.84 5.06
CA SER B 165 -18.62 -5.66 5.81
C SER B 165 -18.02 -5.68 7.21
N GLY B 166 -17.47 -4.54 7.64
CA GLY B 166 -16.88 -4.41 8.95
C GLY B 166 -15.54 -5.11 9.12
N VAL B 167 -14.93 -5.55 8.05
CA VAL B 167 -13.64 -6.22 8.12
C VAL B 167 -12.54 -5.17 8.05
N HIS B 168 -11.53 -5.30 8.90
CA HIS B 168 -10.38 -4.41 8.88
C HIS B 168 -9.12 -5.27 8.97
N THR B 169 -8.36 -5.32 7.88
CA THR B 169 -7.09 -6.02 7.88
C THR B 169 -5.97 -4.98 7.92
N PHE B 170 -5.17 -5.04 8.98
CA PHE B 170 -4.16 -4.05 9.29
C PHE B 170 -2.86 -4.29 8.50
N PRO B 171 -2.15 -3.21 8.18
CA PRO B 171 -0.80 -3.36 7.61
C PRO B 171 0.10 -4.17 8.51
N ALA B 172 0.95 -4.98 7.89
CA ALA B 172 1.94 -5.74 8.65
C ALA B 172 2.94 -4.79 9.30
N VAL B 173 3.45 -5.20 10.46
CA VAL B 173 4.50 -4.51 11.17
C VAL B 173 5.67 -5.46 11.31
N LEU B 174 6.88 -4.93 11.18
CA LEU B 174 8.07 -5.75 11.29
C LEU B 174 8.47 -5.85 12.76
N GLN B 175 8.61 -7.08 13.27
CA GLN B 175 8.92 -7.27 14.67
C GLN B 175 10.42 -7.28 14.88
N SER B 176 10.82 -7.15 16.15
CA SER B 176 12.24 -7.09 16.48
C SER B 176 13.00 -8.31 15.96
N SER B 177 12.31 -9.43 15.80
CA SER B 177 12.90 -10.68 15.32
C SER B 177 13.13 -10.72 13.81
N GLY B 178 12.67 -9.72 13.07
CA GLY B 178 12.76 -9.78 11.62
C GLY B 178 11.60 -10.48 10.95
N LEU B 179 10.62 -10.94 11.72
CA LEU B 179 9.43 -11.58 11.19
C LEU B 179 8.26 -10.61 11.24
N TYR B 180 7.35 -10.74 10.28
CA TYR B 180 6.21 -9.86 10.16
C TYR B 180 5.03 -10.35 10.99
N SER B 181 4.10 -9.44 11.26
CA SER B 181 2.91 -9.76 12.02
C SER B 181 1.79 -8.77 11.68
N LEU B 182 0.57 -9.29 11.57
CA LEU B 182 -0.60 -8.45 11.36
C LEU B 182 -1.83 -9.12 11.94
N SER B 183 -2.85 -8.32 12.19
CA SER B 183 -4.13 -8.84 12.64
C SER B 183 -5.21 -8.40 11.65
N SER B 184 -6.27 -9.21 11.56
CA SER B 184 -7.45 -8.88 10.79
C SER B 184 -8.64 -9.02 11.73
N VAL B 185 -9.46 -7.97 11.85
CA VAL B 185 -10.58 -7.93 12.77
C VAL B 185 -11.87 -7.77 11.98
N VAL B 186 -12.98 -8.10 12.64
CA VAL B 186 -14.30 -7.90 12.06
C VAL B 186 -15.28 -7.65 13.20
N THR B 187 -16.15 -6.66 13.02
CA THR B 187 -17.23 -6.39 13.95
C THR B 187 -18.50 -7.04 13.42
N VAL B 188 -19.22 -7.72 14.31
CA VAL B 188 -20.44 -8.46 13.97
C VAL B 188 -21.45 -8.26 15.09
N PRO B 189 -22.73 -8.48 14.81
CA PRO B 189 -23.72 -8.40 15.88
C PRO B 189 -23.41 -9.42 16.96
N SER B 190 -23.51 -9.00 18.23
CA SER B 190 -23.19 -9.91 19.32
C SER B 190 -24.18 -11.07 19.40
N SER B 191 -25.36 -10.93 18.77
CA SER B 191 -26.34 -12.02 18.82
C SER B 191 -25.86 -13.25 18.07
N SER B 192 -25.02 -13.07 17.05
CA SER B 192 -24.54 -14.21 16.27
C SER B 192 -23.43 -14.95 16.99
N THR B 195 -23.99 -18.97 17.21
CA THR B 195 -24.45 -19.82 16.11
C THR B 195 -23.62 -19.64 14.83
N GLN B 196 -23.37 -18.39 14.43
CA GLN B 196 -22.64 -18.11 13.20
C GLN B 196 -21.18 -18.54 13.30
N THR B 197 -20.71 -19.25 12.28
CA THR B 197 -19.32 -19.68 12.21
C THR B 197 -18.49 -18.64 11.48
N TYR B 198 -17.38 -18.23 12.11
CA TYR B 198 -16.48 -17.23 11.55
C TYR B 198 -15.11 -17.87 11.34
N ILE B 199 -14.65 -17.86 10.09
CA ILE B 199 -13.41 -18.51 9.70
C ILE B 199 -12.55 -17.49 8.95
N CYS B 200 -11.31 -17.30 9.40
CA CYS B 200 -10.39 -16.42 8.69
C CYS B 200 -9.51 -17.26 7.76
N ASN B 201 -9.43 -16.85 6.49
CA ASN B 201 -8.68 -17.57 5.48
C ASN B 201 -7.38 -16.83 5.22
N VAL B 202 -6.26 -17.45 5.60
CA VAL B 202 -4.95 -16.81 5.51
C VAL B 202 -4.12 -17.50 4.45
N ASN B 203 -3.63 -16.73 3.49
CA ASN B 203 -2.78 -17.27 2.44
C ASN B 203 -1.43 -16.56 2.49
N HIS B 204 -0.36 -17.34 2.43
CA HIS B 204 1.01 -16.86 2.41
C HIS B 204 1.69 -17.56 1.25
N LYS B 205 1.62 -16.94 0.06
CA LYS B 205 2.19 -17.53 -1.14
C LYS B 205 3.69 -17.84 -1.04
N PRO B 206 4.55 -17.00 -0.47
CA PRO B 206 6.00 -17.32 -0.51
C PRO B 206 6.38 -18.60 0.23
N SER B 207 5.69 -18.95 1.31
CA SER B 207 5.99 -20.18 2.05
C SER B 207 5.03 -21.31 1.71
N ASN B 208 4.09 -21.09 0.79
CA ASN B 208 3.10 -22.07 0.39
C ASN B 208 2.28 -22.53 1.61
N THR B 209 1.83 -21.54 2.37
CA THR B 209 1.04 -21.74 3.58
C THR B 209 -0.37 -21.19 3.31
N LYS B 210 -1.38 -22.03 3.51
CA LYS B 210 -2.77 -21.60 3.43
C LYS B 210 -3.51 -22.31 4.56
N VAL B 211 -4.02 -21.53 5.52
CA VAL B 211 -4.73 -22.09 6.66
C VAL B 211 -6.03 -21.34 6.90
N ASP B 212 -7.01 -22.06 7.42
CA ASP B 212 -8.33 -21.51 7.74
C ASP B 212 -8.57 -21.73 9.23
N LYS B 213 -8.82 -20.65 9.96
CA LYS B 213 -8.91 -20.70 11.42
C LYS B 213 -10.29 -20.27 11.90
N LYS B 214 -10.99 -21.18 12.57
CA LYS B 214 -12.29 -20.88 13.14
C LYS B 214 -12.12 -20.10 14.44
N VAL B 215 -12.92 -19.04 14.60
CA VAL B 215 -12.82 -18.21 15.79
C VAL B 215 -14.06 -18.37 16.66
N ASP C 1 19.68 13.43 -11.04
CA ASP C 1 18.28 13.18 -11.37
C ASP C 1 17.38 14.35 -10.95
N VAL C 2 16.25 14.49 -11.63
CA VAL C 2 15.32 15.57 -11.30
C VAL C 2 14.57 15.22 -10.03
N VAL C 3 14.62 16.11 -9.06
CA VAL C 3 13.93 15.92 -7.79
C VAL C 3 12.61 16.67 -7.90
N MET C 4 11.53 15.99 -7.53
CA MET C 4 10.18 16.53 -7.61
C MET C 4 9.69 16.67 -6.19
N THR C 5 9.40 17.91 -5.78
CA THR C 5 8.99 18.23 -4.41
C THR C 5 7.53 18.63 -4.40
N GLN C 6 6.70 17.86 -3.71
CA GLN C 6 5.27 18.13 -3.62
C GLN C 6 4.91 18.79 -2.30
N THR C 7 3.91 19.66 -2.34
CA THR C 7 3.36 20.39 -1.20
C THR C 7 1.85 20.43 -1.32
N PRO C 8 1.10 20.18 -0.25
CA PRO C 8 1.51 19.58 1.02
C PRO C 8 1.77 18.09 0.85
N LEU C 9 2.23 17.39 1.88
CA LEU C 9 2.34 15.94 1.80
C LEU C 9 1.10 15.25 2.40
N SER C 10 0.35 15.96 3.22
CA SER C 10 -0.90 15.53 3.83
C SER C 10 -1.92 16.63 3.57
N LEU C 11 -3.07 16.28 2.94
CA LEU C 11 -4.06 17.26 2.49
C LEU C 11 -5.46 16.92 2.97
N PRO C 12 -5.83 17.31 4.20
CA PRO C 12 -7.23 17.16 4.65
C PRO C 12 -8.13 18.18 3.98
N VAL C 13 -9.28 17.69 3.50
CA VAL C 13 -10.23 18.51 2.77
C VAL C 13 -11.64 17.98 3.02
N SER C 14 -12.62 18.87 3.05
CA SER C 14 -14.01 18.47 3.21
C SER C 14 -14.60 18.12 1.85
N LEU C 15 -15.61 17.26 1.87
CA LEU C 15 -16.32 16.90 0.65
C LEU C 15 -16.91 18.15 0.00
N GLY C 16 -16.84 18.18 -1.35
CA GLY C 16 -17.35 19.30 -2.13
C GLY C 16 -16.50 20.54 -2.14
N ASP C 17 -15.41 20.56 -1.40
CA ASP C 17 -14.54 21.71 -1.33
C ASP C 17 -13.44 21.59 -2.40
N GLN C 18 -12.67 22.66 -2.56
CA GLN C 18 -11.54 22.74 -3.49
C GLN C 18 -10.24 22.34 -2.81
N ALA C 19 -9.35 21.69 -3.56
CA ALA C 19 -8.00 21.38 -3.07
C ALA C 19 -6.97 21.68 -4.16
N SER C 20 -5.75 22.02 -3.74
CA SER C 20 -4.68 22.24 -4.71
C SER C 20 -3.38 21.64 -4.19
N ILE C 21 -2.62 21.03 -5.10
CA ILE C 21 -1.34 20.37 -4.80
C ILE C 21 -0.27 21.04 -5.65
N SER C 22 0.86 21.37 -5.04
CA SER C 22 2.00 21.94 -5.76
CA SER C 22 2.03 21.97 -5.68
C SER C 22 3.05 20.89 -6.04
N CYS C 23 3.74 21.07 -7.18
CA CYS C 23 4.85 20.19 -7.55
C CYS C 23 5.93 21.07 -8.12
N ARG C 24 7.13 21.02 -7.55
CA ARG C 24 8.26 21.85 -7.99
C ARG C 24 9.41 20.94 -8.41
N SER C 25 9.95 21.16 -9.60
CA SER C 25 11.06 20.36 -10.09
C SER C 25 12.39 21.04 -9.83
N SER C 26 13.44 20.23 -9.64
CA SER C 26 14.77 20.79 -9.36
C SER C 26 15.43 21.34 -10.61
N GLN C 27 14.88 21.10 -11.80
CA GLN C 27 15.32 21.77 -13.00
C GLN C 27 14.13 21.90 -13.94
N SER C 28 14.29 22.76 -14.95
CA SER C 28 13.20 23.06 -15.86
C SER C 28 12.75 21.81 -16.60
N LEU C 29 11.43 21.67 -16.76
CA LEU C 29 10.83 20.55 -17.46
C LEU C 29 10.48 20.89 -18.90
N VAL C 30 11.01 22.00 -19.41
CA VAL C 30 10.84 22.34 -20.81
C VAL C 30 11.83 21.51 -21.61
N TYR C 31 11.33 20.77 -22.59
CA TYR C 31 12.09 19.91 -23.48
C TYR C 31 12.61 20.74 -24.66
N SER C 32 13.55 20.18 -25.42
CA SER C 32 14.20 20.94 -26.49
C SER C 32 13.19 21.47 -27.51
N ASN C 33 12.04 20.80 -27.68
CA ASN C 33 11.01 21.25 -28.61
C ASN C 33 10.06 22.26 -27.98
N GLY C 34 10.35 22.74 -26.77
CA GLY C 34 9.49 23.69 -26.10
C GLY C 34 8.30 23.11 -25.36
N ASN C 35 8.09 21.79 -25.41
CA ASN C 35 7.00 21.17 -24.67
C ASN C 35 7.45 20.77 -23.27
N THR C 36 6.48 20.51 -22.39
CA THR C 36 6.72 20.25 -20.98
C THR C 36 6.06 18.92 -20.60
N TYR C 37 6.88 17.94 -20.19
CA TYR C 37 6.41 16.57 -19.98
C TYR C 37 6.34 16.31 -18.49
N LEU C 38 5.27 16.84 -17.89
CA LEU C 38 4.99 16.79 -16.47
C LEU C 38 3.60 16.17 -16.37
N HIS C 39 3.45 15.13 -15.56
CA HIS C 39 2.26 14.30 -15.56
C HIS C 39 1.81 14.11 -14.10
N TRP C 40 0.57 13.71 -13.91
CA TRP C 40 0.06 13.45 -12.55
C TRP C 40 -0.64 12.09 -12.50
N TYR C 41 -0.52 11.42 -11.35
CA TYR C 41 -1.13 10.11 -11.11
C TYR C 41 -1.90 10.14 -9.79
N LEU C 42 -2.89 9.24 -9.65
CA LEU C 42 -3.58 9.00 -8.38
C LEU C 42 -3.51 7.53 -8.03
N GLN C 43 -3.03 7.22 -6.83
CA GLN C 43 -3.06 5.86 -6.27
C GLN C 43 -4.16 5.80 -5.21
N LYS C 44 -5.27 5.11 -5.52
CA LYS C 44 -6.33 4.91 -4.53
C LYS C 44 -5.95 3.80 -3.54
N PRO C 45 -6.54 3.79 -2.33
CA PRO C 45 -6.17 2.77 -1.35
C PRO C 45 -6.34 1.35 -1.88
N GLY C 46 -5.32 0.52 -1.66
CA GLY C 46 -5.39 -0.87 -2.09
C GLY C 46 -5.26 -1.08 -3.58
N GLN C 47 -4.91 -0.05 -4.35
CA GLN C 47 -4.85 -0.12 -5.80
C GLN C 47 -3.49 0.37 -6.27
N SER C 48 -3.17 0.08 -7.54
CA SER C 48 -1.98 0.63 -8.15
C SER C 48 -2.29 2.02 -8.71
N PRO C 49 -1.26 2.82 -9.01
CA PRO C 49 -1.50 4.13 -9.60
C PRO C 49 -2.24 4.06 -10.93
N LYS C 50 -2.95 5.14 -11.23
CA LYS C 50 -3.59 5.40 -12.51
C LYS C 50 -3.27 6.84 -12.90
N VAL C 51 -3.11 7.08 -14.19
CA VAL C 51 -2.77 8.42 -14.65
C VAL C 51 -4.00 9.33 -14.65
N LEU C 52 -3.75 10.61 -14.37
CA LEU C 52 -4.77 11.65 -14.36
C LEU C 52 -4.58 12.65 -15.49
N MET C 53 -3.37 13.23 -15.57
CA MET C 53 -3.01 14.33 -16.46
C MET C 53 -1.68 14.06 -17.12
N TYR C 54 -1.53 14.54 -18.37
CA TYR C 54 -0.25 14.48 -19.05
C TYR C 54 0.09 15.85 -19.62
N LYS C 55 1.38 16.12 -19.78
CA LYS C 55 1.91 17.40 -20.29
C LYS C 55 1.20 18.62 -19.67
N VAL C 56 1.26 18.65 -18.32
CA VAL C 56 0.81 19.75 -17.45
C VAL C 56 -0.70 19.78 -17.29
N SER C 57 -1.45 19.86 -18.39
CA SER C 57 -2.86 20.26 -18.30
C SER C 57 -3.84 19.36 -19.05
N ASN C 58 -3.38 18.28 -19.66
CA ASN C 58 -4.24 17.47 -20.51
C ASN C 58 -4.80 16.29 -19.72
N ARG C 59 -6.13 16.22 -19.62
CA ARG C 59 -6.80 15.12 -18.95
C ARG C 59 -6.79 13.87 -19.81
N PHE C 60 -6.42 12.73 -19.21
CA PHE C 60 -6.64 11.49 -19.93
C PHE C 60 -8.12 11.18 -20.04
N SER C 61 -8.47 10.40 -21.05
CA SER C 61 -9.85 9.99 -21.23
C SER C 61 -10.36 9.28 -19.98
N GLY C 62 -11.55 9.69 -19.51
CA GLY C 62 -12.18 9.08 -18.35
C GLY C 62 -11.88 9.77 -17.03
N VAL C 63 -11.03 10.78 -17.03
CA VAL C 63 -10.72 11.54 -15.83
C VAL C 63 -11.68 12.72 -15.73
N SER C 64 -12.29 12.89 -14.56
CA SER C 64 -13.27 13.95 -14.34
C SER C 64 -12.72 15.34 -14.66
N ASP C 65 -13.59 16.19 -15.22
CA ASP C 65 -13.19 17.57 -15.45
C ASP C 65 -13.10 18.38 -14.16
N ARG C 66 -13.32 17.76 -12.99
CA ARG C 66 -13.02 18.43 -11.73
C ARG C 66 -11.52 18.59 -11.52
N PHE C 67 -10.70 17.85 -12.26
CA PHE C 67 -9.25 17.95 -12.15
C PHE C 67 -8.72 18.89 -13.21
N SER C 68 -7.82 19.77 -12.81
CA SER C 68 -7.14 20.65 -13.76
C SER C 68 -5.66 20.79 -13.40
N GLY C 69 -4.84 20.94 -14.41
CA GLY C 69 -3.40 21.05 -14.22
C GLY C 69 -2.92 22.36 -14.81
N SER C 70 -1.93 22.97 -14.16
CA SER C 70 -1.37 24.21 -14.68
C SER C 70 0.08 24.35 -14.22
N GLY C 71 0.75 25.35 -14.77
CA GLY C 71 2.11 25.65 -14.41
C GLY C 71 3.02 25.74 -15.61
N SER C 72 4.29 26.02 -15.32
CA SER C 72 5.30 26.17 -16.35
C SER C 72 6.68 26.10 -15.72
N GLY C 73 7.65 25.66 -16.51
CA GLY C 73 9.03 25.62 -16.07
C GLY C 73 9.36 24.61 -14.99
N THR C 74 9.41 25.10 -13.76
CA THR C 74 9.64 24.26 -12.59
C THR C 74 8.47 24.23 -11.62
N ASP C 75 7.40 24.98 -11.88
CA ASP C 75 6.32 25.21 -10.91
C ASP C 75 5.00 24.72 -11.48
N PHE C 76 4.38 23.73 -10.83
CA PHE C 76 3.18 23.11 -11.35
C PHE C 76 2.16 22.93 -10.24
N THR C 77 0.87 22.92 -10.63
CA THR C 77 -0.24 22.77 -9.70
C THR C 77 -1.29 21.81 -10.24
N LEU C 78 -1.80 20.94 -9.36
CA LEU C 78 -2.96 20.12 -9.66
C LEU C 78 -4.11 20.66 -8.82
N LYS C 79 -5.27 20.89 -9.44
CA LYS C 79 -6.41 21.44 -8.71
C LYS C 79 -7.60 20.49 -8.79
N ILE C 80 -8.31 20.31 -7.68
CA ILE C 80 -9.56 19.56 -7.65
C ILE C 80 -10.66 20.55 -7.26
N SER C 81 -11.71 20.66 -8.09
CA SER C 81 -12.61 21.79 -7.92
C SER C 81 -13.69 21.53 -6.87
N ARG C 82 -14.17 20.29 -6.77
CA ARG C 82 -15.12 19.85 -5.76
C ARG C 82 -14.70 18.43 -5.39
N VAL C 83 -14.20 18.22 -4.18
CA VAL C 83 -13.67 16.90 -3.81
C VAL C 83 -14.79 15.88 -3.62
N GLU C 84 -14.58 14.67 -4.14
CA GLU C 84 -15.48 13.54 -3.95
C GLU C 84 -14.77 12.43 -3.17
N ALA C 85 -15.56 11.52 -2.60
CA ALA C 85 -14.98 10.48 -1.76
C ALA C 85 -14.03 9.60 -2.55
N GLU C 86 -14.28 9.42 -3.85
CA GLU C 86 -13.39 8.58 -4.65
C GLU C 86 -12.07 9.28 -4.99
N ASP C 87 -11.86 10.53 -4.54
CA ASP C 87 -10.60 11.22 -4.73
C ASP C 87 -9.58 10.86 -3.65
N LEU C 88 -10.02 10.14 -2.64
CA LEU C 88 -9.16 9.68 -1.56
C LEU C 88 -7.97 8.90 -2.11
N GLY C 89 -6.75 9.27 -1.72
CA GLY C 89 -5.61 8.51 -2.21
C GLY C 89 -4.34 9.36 -2.16
N VAL C 90 -3.32 8.87 -2.87
CA VAL C 90 -2.04 9.57 -2.94
C VAL C 90 -1.86 10.05 -4.37
N TYR C 91 -1.59 11.35 -4.51
CA TYR C 91 -1.37 12.00 -5.80
C TYR C 91 0.13 12.11 -6.00
N PHE C 92 0.60 11.74 -7.19
CA PHE C 92 2.02 11.80 -7.53
C PHE C 92 2.21 12.67 -8.77
N CYS C 93 3.17 13.61 -8.74
CA CYS C 93 3.58 14.20 -10.00
C CYS C 93 4.79 13.42 -10.52
N SER C 94 5.06 13.56 -11.82
CA SER C 94 6.12 12.78 -12.45
C SER C 94 6.63 13.58 -13.63
N GLN C 95 7.93 13.47 -13.92
CA GLN C 95 8.46 14.15 -15.10
C GLN C 95 9.13 13.13 -16.01
N SER C 96 9.00 13.34 -17.33
CA SER C 96 9.72 12.52 -18.30
C SER C 96 10.55 13.37 -19.26
N THR C 97 10.66 14.67 -18.99
CA THR C 97 11.51 15.52 -19.82
C THR C 97 12.95 15.05 -19.79
N HIS C 98 13.43 14.66 -18.60
CA HIS C 98 14.81 14.24 -18.40
C HIS C 98 14.81 12.79 -17.93
N VAL C 99 15.61 11.95 -18.58
CA VAL C 99 15.75 10.57 -18.13
C VAL C 99 16.77 10.58 -17.00
N PRO C 100 16.58 9.82 -15.88
CA PRO C 100 15.47 8.90 -15.62
C PRO C 100 14.17 9.59 -15.29
N LEU C 101 13.07 8.98 -15.71
CA LEU C 101 11.75 9.45 -15.29
C LEU C 101 11.70 9.40 -13.77
N THR C 102 11.21 10.48 -13.14
CA THR C 102 11.15 10.54 -11.68
C THR C 102 9.76 10.96 -11.21
N PHE C 103 9.49 10.62 -9.95
CA PHE C 103 8.21 10.88 -9.29
C PHE C 103 8.43 11.73 -8.05
N GLY C 104 7.44 12.53 -7.70
CA GLY C 104 7.41 13.14 -6.37
C GLY C 104 7.04 12.11 -5.31
N ALA C 105 7.13 12.52 -4.04
CA ALA C 105 6.95 11.57 -2.94
C ALA C 105 5.50 11.21 -2.72
N GLY C 106 4.57 11.98 -3.26
CA GLY C 106 3.16 11.72 -3.08
C GLY C 106 2.54 12.68 -2.09
N THR C 107 1.29 13.05 -2.33
CA THR C 107 0.50 13.88 -1.44
C THR C 107 -0.74 13.09 -1.10
N LYS C 108 -0.99 12.84 0.20
CA LYS C 108 -2.14 12.02 0.60
C LYS C 108 -3.35 12.92 0.84
N LEU C 109 -4.38 12.77 0.01
CA LEU C 109 -5.64 13.47 0.21
C LEU C 109 -6.45 12.72 1.27
N GLU C 110 -6.92 13.44 2.29
CA GLU C 110 -7.63 12.91 3.43
C GLU C 110 -8.96 13.63 3.57
N LEU C 111 -10.05 12.89 3.80
CA LEU C 111 -11.38 13.51 3.94
C LEU C 111 -11.63 13.92 5.39
N LYS C 112 -12.08 15.15 5.57
CA LYS C 112 -12.50 15.62 6.89
C LYS C 112 -13.91 15.12 7.18
N ARG C 113 -14.19 14.96 8.47
CA ARG C 113 -15.51 14.55 8.93
C ARG C 113 -15.61 14.96 10.40
N THR C 114 -16.79 14.79 10.98
CA THR C 114 -16.93 15.10 12.39
C THR C 114 -16.09 14.15 13.23
N VAL C 115 -15.67 14.65 14.40
CA VAL C 115 -14.92 13.84 15.35
C VAL C 115 -15.75 12.63 15.75
N ALA C 116 -15.11 11.45 15.78
CA ALA C 116 -15.77 10.20 16.16
C ALA C 116 -14.85 9.44 17.12
N ALA C 117 -15.37 9.14 18.32
CA ALA C 117 -14.58 8.43 19.32
C ALA C 117 -14.42 6.97 18.94
N PRO C 118 -13.29 6.35 19.28
CA PRO C 118 -13.12 4.93 18.94
C PRO C 118 -13.95 4.04 19.85
N SER C 119 -14.36 2.91 19.28
CA SER C 119 -14.87 1.76 20.01
C SER C 119 -13.68 0.90 20.39
N VAL C 120 -13.47 0.69 21.70
CA VAL C 120 -12.25 0.05 22.19
C VAL C 120 -12.55 -1.36 22.65
N PHE C 121 -11.80 -2.32 22.11
CA PHE C 121 -11.92 -3.73 22.46
C PHE C 121 -10.52 -4.24 22.86
N ILE C 122 -10.48 -5.20 23.78
CA ILE C 122 -9.22 -5.80 24.21
C ILE C 122 -9.33 -7.32 24.11
N PHE C 123 -8.27 -7.96 23.61
CA PHE C 123 -8.25 -9.42 23.40
C PHE C 123 -7.10 -10.09 24.15
N PRO C 124 -7.38 -11.04 25.04
CA PRO C 124 -6.30 -11.81 25.69
C PRO C 124 -5.62 -12.72 24.69
N PRO C 125 -4.42 -13.22 25.00
CA PRO C 125 -3.79 -14.20 24.11
C PRO C 125 -4.55 -15.52 24.16
N SER C 126 -4.51 -16.25 23.04
CA SER C 126 -5.16 -17.54 22.96
C SER C 126 -4.32 -18.58 23.70
N ASP C 127 -4.98 -19.68 24.11
CA ASP C 127 -4.25 -20.75 24.77
C ASP C 127 -3.28 -21.43 23.82
N GLU C 128 -3.64 -21.53 22.53
CA GLU C 128 -2.72 -22.08 21.55
C GLU C 128 -1.40 -21.30 21.53
N GLN C 129 -1.48 -19.96 21.58
CA GLN C 129 -0.27 -19.16 21.53
C GLN C 129 0.55 -19.31 22.81
N LEU C 130 -0.13 -19.37 23.96
CA LEU C 130 0.58 -19.59 25.21
C LEU C 130 1.37 -20.89 25.21
N LYS C 131 0.87 -21.92 24.51
CA LYS C 131 1.62 -23.16 24.39
C LYS C 131 2.98 -22.94 23.76
N SER C 132 3.08 -21.98 22.84
CA SER C 132 4.32 -21.70 22.12
C SER C 132 5.31 -20.87 22.91
N GLY C 133 4.95 -20.36 24.10
CA GLY C 133 5.87 -19.59 24.91
C GLY C 133 5.76 -18.08 24.78
N THR C 134 4.79 -17.59 24.01
CA THR C 134 4.64 -16.17 23.74
C THR C 134 3.19 -15.75 23.97
N ALA C 135 3.02 -14.48 24.37
CA ALA C 135 1.72 -13.91 24.69
C ALA C 135 1.57 -12.58 23.96
N SER C 136 0.57 -12.50 23.07
CA SER C 136 0.22 -11.27 22.37
C SER C 136 -1.14 -10.79 22.88
N VAL C 137 -1.18 -9.57 23.41
CA VAL C 137 -2.42 -8.95 23.86
C VAL C 137 -2.72 -7.81 22.91
N VAL C 138 -3.95 -7.75 22.40
CA VAL C 138 -4.31 -6.84 21.31
C VAL C 138 -5.39 -5.86 21.77
N CYS C 139 -5.16 -4.58 21.50
CA CYS C 139 -6.12 -3.52 21.77
C CYS C 139 -6.59 -2.97 20.43
N LEU C 140 -7.90 -3.01 20.19
CA LEU C 140 -8.47 -2.54 18.94
C LEU C 140 -9.21 -1.23 19.18
N LEU C 141 -8.94 -0.24 18.34
CA LEU C 141 -9.63 1.05 18.34
C LEU C 141 -10.34 1.12 16.99
N ASN C 142 -11.67 1.17 17.00
CA ASN C 142 -12.41 0.93 15.77
C ASN C 142 -13.20 2.16 15.35
N ASN C 143 -13.11 2.48 14.05
CA ASN C 143 -13.92 3.48 13.35
C ASN C 143 -13.95 4.83 14.09
N PHE C 144 -12.78 5.48 14.12
CA PHE C 144 -12.62 6.76 14.79
C PHE C 144 -12.03 7.82 13.85
N TYR C 145 -12.20 9.08 14.23
CA TYR C 145 -11.66 10.23 13.51
C TYR C 145 -11.50 11.41 14.45
N PRO C 146 -10.38 12.16 14.39
CA PRO C 146 -9.22 12.07 13.50
C PRO C 146 -8.30 10.90 13.83
N ARG C 147 -7.23 10.75 13.04
CA ARG C 147 -6.35 9.61 13.18
C ARG C 147 -5.56 9.66 14.48
N GLU C 148 -5.29 10.84 15.02
CA GLU C 148 -4.42 10.94 16.18
C GLU C 148 -5.06 10.31 17.42
N ALA C 149 -4.32 9.41 18.07
CA ALA C 149 -4.78 8.79 19.30
C ALA C 149 -3.56 8.34 20.08
N LYS C 150 -3.72 8.20 21.39
CA LYS C 150 -2.68 7.69 22.26
C LYS C 150 -3.19 6.40 22.89
N VAL C 151 -2.42 5.32 22.75
CA VAL C 151 -2.78 4.03 23.34
C VAL C 151 -1.66 3.61 24.28
N GLN C 152 -2.00 3.43 25.57
CA GLN C 152 -1.04 3.10 26.62
C GLN C 152 -1.42 1.76 27.26
N TRP C 153 -0.46 0.85 27.35
CA TRP C 153 -0.69 -0.45 27.98
C TRP C 153 -0.32 -0.37 29.46
N LYS C 154 -1.06 -1.13 30.27
CA LYS C 154 -0.82 -1.20 31.72
C LYS C 154 -0.99 -2.64 32.16
N VAL C 155 -0.02 -3.16 32.90
CA VAL C 155 -0.09 -4.51 33.45
C VAL C 155 -0.02 -4.39 34.97
N ASP C 156 -1.08 -4.83 35.66
CA ASP C 156 -1.23 -4.62 37.09
C ASP C 156 -1.03 -3.15 37.47
N ASN C 157 -1.76 -2.27 36.76
CA ASN C 157 -1.76 -0.82 36.92
C ASN C 157 -0.41 -0.15 36.63
N ALA C 158 0.54 -0.92 36.12
CA ALA C 158 1.89 -0.42 35.84
C ALA C 158 2.06 -0.16 34.34
N LEU C 159 2.46 1.06 33.99
CA LEU C 159 2.62 1.47 32.60
C LEU C 159 3.68 0.64 31.89
N GLN C 160 3.44 0.34 30.62
CA GLN C 160 4.36 -0.43 29.78
C GLN C 160 5.05 0.49 28.78
N SER C 161 6.20 0.03 28.28
CA SER C 161 7.02 0.85 27.41
C SER C 161 7.94 -0.02 26.57
N GLY C 162 7.92 0.18 25.26
CA GLY C 162 8.83 -0.50 24.35
C GLY C 162 8.43 -1.90 23.93
N ASN C 163 7.37 -2.48 24.50
CA ASN C 163 6.97 -3.83 24.14
C ASN C 163 5.66 -3.86 23.37
N SER C 164 5.32 -2.79 22.66
CA SER C 164 4.11 -2.77 21.86
C SER C 164 4.35 -2.09 20.52
N GLN C 165 3.55 -2.49 19.53
CA GLN C 165 3.60 -1.95 18.19
C GLN C 165 2.17 -1.64 17.73
N GLU C 166 2.03 -0.56 16.96
CA GLU C 166 0.74 -0.09 16.49
C GLU C 166 0.66 -0.22 14.98
N SER C 167 -0.56 -0.32 14.48
CA SER C 167 -0.84 -0.38 13.05
C SER C 167 -2.16 0.35 12.81
N VAL C 168 -2.24 1.16 11.76
CA VAL C 168 -3.44 1.93 11.47
C VAL C 168 -3.87 1.65 10.03
N THR C 169 -5.17 1.54 9.83
CA THR C 169 -5.67 1.33 8.47
C THR C 169 -5.68 2.65 7.72
N GLU C 170 -5.74 2.54 6.40
CA GLU C 170 -5.97 3.73 5.60
C GLU C 170 -7.41 4.18 5.79
N GLN C 171 -7.67 5.45 5.50
CA GLN C 171 -9.02 5.98 5.66
C GLN C 171 -10.03 5.20 4.84
N ASP C 172 -11.12 4.80 5.48
CA ASP C 172 -12.16 4.05 4.80
C ASP C 172 -12.99 4.98 3.92
N SER C 173 -13.10 4.63 2.64
CA SER C 173 -13.88 5.45 1.71
C SER C 173 -15.34 5.50 2.12
N LYS C 174 -15.84 4.45 2.78
CA LYS C 174 -17.26 4.36 3.12
C LYS C 174 -17.66 5.36 4.21
N ASP C 175 -16.88 5.47 5.29
CA ASP C 175 -17.26 6.38 6.36
C ASP C 175 -16.15 7.35 6.78
N SER C 176 -14.99 7.33 6.13
CA SER C 176 -13.89 8.28 6.38
C SER C 176 -13.27 8.09 7.76
N THR C 177 -13.37 6.89 8.35
CA THR C 177 -12.80 6.62 9.66
C THR C 177 -11.55 5.77 9.55
N TYR C 178 -10.82 5.71 10.66
CA TYR C 178 -9.62 4.90 10.80
C TYR C 178 -9.88 3.80 11.82
N SER C 179 -9.08 2.76 11.75
CA SER C 179 -9.02 1.79 12.82
C SER C 179 -7.55 1.55 13.15
N LEU C 180 -7.28 1.22 14.41
CA LEU C 180 -5.93 1.06 14.90
C LEU C 180 -5.84 -0.21 15.74
N SER C 181 -4.74 -0.94 15.60
CA SER C 181 -4.44 -2.08 16.46
C SER C 181 -3.14 -1.81 17.19
N SER C 182 -3.14 -2.07 18.50
CA SER C 182 -1.92 -2.05 19.30
C SER C 182 -1.72 -3.44 19.89
N THR C 183 -0.52 -3.99 19.71
CA THR C 183 -0.22 -5.36 20.15
C THR C 183 0.89 -5.32 21.18
N LEU C 184 0.60 -5.85 22.37
CA LEU C 184 1.56 -5.98 23.45
C LEU C 184 2.12 -7.39 23.41
N THR C 185 3.44 -7.54 23.26
CA THR C 185 4.07 -8.85 23.23
C THR C 185 4.89 -9.10 24.48
N LEU C 186 4.62 -10.22 25.14
CA LEU C 186 5.26 -10.63 26.38
C LEU C 186 5.68 -12.08 26.27
N SER C 187 6.67 -12.47 27.06
CA SER C 187 6.94 -13.89 27.23
C SER C 187 5.79 -14.54 28.00
N LYS C 188 5.64 -15.85 27.82
CA LYS C 188 4.60 -16.59 28.54
C LYS C 188 4.80 -16.45 30.04
N ALA C 189 6.06 -16.50 30.48
CA ALA C 189 6.38 -16.37 31.90
C ALA C 189 5.96 -15.00 32.42
N ASP C 190 6.22 -13.93 31.65
CA ASP C 190 5.85 -12.60 32.08
C ASP C 190 4.34 -12.42 32.10
N TYR C 191 3.64 -13.02 31.12
CA TYR C 191 2.18 -12.93 31.09
C TYR C 191 1.55 -13.63 32.29
N GLU C 192 1.98 -14.85 32.57
CA GLU C 192 1.39 -15.58 33.69
C GLU C 192 1.88 -15.09 35.05
N LYS C 193 2.74 -14.06 35.09
CA LYS C 193 3.17 -13.43 36.34
C LYS C 193 2.25 -12.31 36.80
N HIS C 194 1.20 -11.99 36.06
CA HIS C 194 0.39 -10.82 36.34
C HIS C 194 -1.07 -11.14 36.04
N LYS C 195 -1.97 -10.30 36.57
CA LYS C 195 -3.40 -10.55 36.45
C LYS C 195 -4.15 -9.53 35.61
N VAL C 196 -3.94 -8.23 35.81
CA VAL C 196 -4.74 -7.22 35.10
C VAL C 196 -3.98 -6.69 33.89
N TYR C 197 -4.65 -6.73 32.74
CA TYR C 197 -4.09 -6.21 31.50
C TYR C 197 -5.06 -5.18 30.97
N ALA C 198 -4.56 -3.99 30.66
CA ALA C 198 -5.42 -2.88 30.29
C ALA C 198 -4.77 -2.02 29.21
N CYS C 199 -5.59 -1.43 28.34
CA CYS C 199 -5.11 -0.40 27.40
C CYS C 199 -5.93 0.86 27.61
N GLU C 200 -5.24 1.98 27.80
CA GLU C 200 -5.84 3.29 28.06
C GLU C 200 -5.78 4.08 26.76
N VAL C 201 -6.91 4.67 26.37
CA VAL C 201 -7.02 5.34 25.08
C VAL C 201 -7.32 6.82 25.31
N THR C 202 -6.52 7.67 24.69
CA THR C 202 -6.74 9.12 24.67
C THR C 202 -7.08 9.53 23.23
N HIS C 203 -8.16 10.29 23.07
CA HIS C 203 -8.62 10.71 21.75
C HIS C 203 -9.51 11.92 21.91
N GLN C 204 -9.46 12.81 20.91
CA GLN C 204 -10.24 14.04 20.92
C GLN C 204 -11.73 13.80 21.13
N GLY C 205 -12.23 12.63 20.77
CA GLY C 205 -13.66 12.36 20.94
C GLY C 205 -14.05 11.88 22.32
N LEU C 206 -13.07 11.70 23.21
CA LEU C 206 -13.30 11.23 24.58
C LEU C 206 -12.93 12.36 25.53
N SER C 207 -13.88 12.78 26.37
CA SER C 207 -13.62 13.92 27.26
C SER C 207 -12.59 13.56 28.32
N SER C 208 -12.48 12.29 28.66
CA SER C 208 -11.46 11.79 29.56
C SER C 208 -10.93 10.50 28.97
N PRO C 209 -9.66 10.17 29.22
CA PRO C 209 -9.13 8.90 28.72
C PRO C 209 -9.88 7.74 29.36
N VAL C 210 -10.17 6.74 28.55
CA VAL C 210 -10.91 5.56 29.00
C VAL C 210 -9.99 4.35 28.92
N THR C 211 -10.21 3.40 29.82
CA THR C 211 -9.39 2.20 29.94
C THR C 211 -10.27 0.97 29.78
N LYS C 212 -9.81 0.02 28.96
CA LYS C 212 -10.44 -1.28 28.79
C LYS C 212 -9.46 -2.35 29.31
N SER C 213 -9.96 -3.31 30.09
CA SER C 213 -9.08 -4.22 30.80
C SER C 213 -9.71 -5.60 30.97
N PHE C 214 -8.86 -6.58 31.29
CA PHE C 214 -9.32 -7.92 31.64
C PHE C 214 -8.43 -8.51 32.72
N ASN C 215 -8.97 -9.53 33.41
CA ASN C 215 -8.27 -10.29 34.44
C ASN C 215 -7.90 -11.66 33.88
N ARG C 216 -6.61 -12.00 33.96
CA ARG C 216 -6.12 -13.23 33.33
C ARG C 216 -6.84 -14.47 33.86
N GLY C 217 -6.96 -14.58 35.18
CA GLY C 217 -7.60 -15.75 35.76
C GLY C 217 -9.12 -15.73 35.69
N GLU C 218 -9.72 -14.56 35.84
CA GLU C 218 -11.17 -14.43 35.78
C GLU C 218 -11.63 -14.34 34.33
S SO4 D . 17.01 12.45 -22.50
O1 SO4 D . 16.65 11.52 -23.56
O2 SO4 D . 17.43 13.72 -23.06
O3 SO4 D . 18.11 11.89 -21.71
O4 SO4 D . 15.85 12.67 -21.63
S SO4 E . -6.63 -1.23 -29.18
O1 SO4 E . -7.48 -0.38 -28.35
O2 SO4 E . -6.70 -0.85 -30.60
O3 SO4 E . -7.08 -2.61 -29.03
O4 SO4 E . -5.26 -1.06 -28.70
S SO4 F . -11.93 22.40 4.04
O1 SO4 F . -12.19 23.82 3.73
O2 SO4 F . -12.34 21.55 2.94
O3 SO4 F . -10.50 22.22 4.27
O4 SO4 F . -12.66 22.04 5.27
#